data_5N8B
#
_entry.id   5N8B
#
_cell.length_a   51.319
_cell.length_b   65.763
_cell.length_c   78.133
_cell.angle_alpha   90.00
_cell.angle_beta   103.72
_cell.angle_gamma   90.00
#
_symmetry.space_group_name_H-M   'P 1 21 1'
#
loop_
_entity.id
_entity.type
_entity.pdbx_description
1 polymer Streptavidin
2 polymer ALA-PHE-PRO-ASP-TYR-LEU-ALA-GLU-TYR-HIS-GLY-GLY-NH2
3 water water
#
loop_
_entity_poly.entity_id
_entity_poly.type
_entity_poly.pdbx_seq_one_letter_code
_entity_poly.pdbx_strand_id
1 'polypeptide(L)'
;MRKIVVAAIAVSLTTVSITASASADPSKDSKAQVSAAEAGITGTWYNQLGSTFIVTAGADGALTGTYESAVGNAESRYVL
TGRYDSAPATDGSGTALGWTVAWKNNYRNAHSATTWSGQYVGGAEARINTQWLLTSGTTEANAWKSTLVGHDTFTKVKPS
AASIDAAKKAGVNNGNPLDAVQQ
;
A,B,D,G
2 'polypeptide(L)' AFPDYLAEYHGG(NH2) E,C,F,H
#
loop_
_chem_comp.id
_chem_comp.type
_chem_comp.name
_chem_comp.formula
NH2 non-polymer 'AMINO GROUP' 'H2 N'
#
# COMPACT_ATOMS: atom_id res chain seq x y z
N ALA A 39 -25.22 -1.23 -14.46
CA ALA A 39 -24.07 -1.39 -13.51
C ALA A 39 -24.22 -0.61 -12.21
N GLY A 40 -24.92 0.54 -12.27
CA GLY A 40 -25.12 1.40 -11.10
C GLY A 40 -24.00 2.40 -10.84
N ILE A 41 -22.90 2.24 -11.54
CA ILE A 41 -21.73 3.09 -11.36
C ILE A 41 -21.91 4.45 -12.04
N THR A 42 -22.59 4.49 -13.18
CA THR A 42 -22.81 5.75 -13.88
C THR A 42 -23.53 6.73 -12.97
N GLY A 43 -23.00 7.94 -12.85
CA GLY A 43 -23.60 8.95 -12.01
C GLY A 43 -22.59 9.90 -11.43
N THR A 44 -23.07 10.67 -10.45
CA THR A 44 -22.28 11.68 -9.76
C THR A 44 -22.04 11.19 -8.34
N TRP A 45 -20.76 11.16 -7.96
CA TRP A 45 -20.31 10.60 -6.68
C TRP A 45 -19.57 11.68 -5.90
N TYR A 46 -19.62 11.55 -4.57
CA TYR A 46 -19.04 12.52 -3.65
CA TYR A 46 -19.02 12.51 -3.67
C TYR A 46 -18.30 11.81 -2.53
N ASN A 47 -17.17 12.34 -2.11
CA ASN A 47 -16.60 11.92 -0.84
C ASN A 47 -17.11 12.83 0.28
N GLN A 48 -16.64 12.58 1.50
CA GLN A 48 -17.16 13.32 2.68
C GLN A 48 -16.82 14.80 2.66
N LEU A 49 -15.79 15.15 1.92
CA LEU A 49 -15.40 16.57 1.75
C LEU A 49 -16.10 17.26 0.60
N GLY A 50 -16.89 16.52 -0.15
CA GLY A 50 -17.64 17.09 -1.27
C GLY A 50 -16.88 17.11 -2.58
N SER A 51 -15.66 16.56 -2.63
CA SER A 51 -15.02 16.37 -3.92
C SER A 51 -15.90 15.41 -4.71
N THR A 52 -16.03 15.66 -6.01
CA THR A 52 -17.03 14.96 -6.77
CA THR A 52 -17.10 15.08 -6.83
C THR A 52 -16.58 14.57 -8.16
N PHE A 53 -16.88 13.32 -8.50
CA PHE A 53 -16.66 12.86 -9.86
C PHE A 53 -17.96 12.47 -10.51
N ILE A 54 -18.01 12.74 -11.81
CA ILE A 54 -19.14 12.38 -12.63
CA ILE A 54 -19.14 12.40 -12.66
C ILE A 54 -18.60 11.42 -13.68
N VAL A 55 -19.17 10.22 -13.73
CA VAL A 55 -18.58 9.12 -14.48
C VAL A 55 -19.64 8.35 -15.24
N THR A 56 -19.23 7.85 -16.41
CA THR A 56 -20.01 6.89 -17.17
C THR A 56 -19.28 5.56 -17.17
N ALA A 57 -20.04 4.51 -16.82
CA ALA A 57 -19.57 3.13 -16.89
C ALA A 57 -20.11 2.56 -18.19
N GLY A 58 -19.25 2.43 -19.19
CA GLY A 58 -19.67 1.98 -20.52
C GLY A 58 -19.86 0.48 -20.57
N ALA A 59 -20.62 0.06 -21.56
CA ALA A 59 -20.86 -1.38 -21.77
C ALA A 59 -19.57 -2.17 -22.05
N ASP A 60 -18.53 -1.49 -22.54
CA ASP A 60 -17.21 -2.07 -22.84
C ASP A 60 -16.27 -2.18 -21.63
N GLY A 61 -16.73 -1.87 -20.41
CA GLY A 61 -15.90 -1.93 -19.22
C GLY A 61 -15.16 -0.63 -18.91
N ALA A 62 -15.38 0.41 -19.70
CA ALA A 62 -14.66 1.67 -19.50
C ALA A 62 -15.33 2.55 -18.45
N LEU A 63 -14.50 3.28 -17.70
CA LEU A 63 -14.94 4.39 -16.86
C LEU A 63 -14.37 5.64 -17.47
N THR A 64 -15.23 6.64 -17.69
CA THR A 64 -14.80 7.94 -18.24
CA THR A 64 -14.84 7.91 -18.29
C THR A 64 -15.54 9.04 -17.52
N GLY A 65 -14.85 10.12 -17.20
CA GLY A 65 -15.51 11.24 -16.56
C GLY A 65 -14.56 12.31 -16.11
N THR A 66 -15.06 13.09 -15.15
CA THR A 66 -14.38 14.28 -14.64
C THR A 66 -14.37 14.23 -13.12
N TYR A 67 -13.24 14.56 -12.51
CA TYR A 67 -13.14 14.69 -11.04
C TYR A 67 -12.85 16.16 -10.73
N GLU A 68 -13.62 16.75 -9.82
CA GLU A 68 -13.46 18.16 -9.46
C GLU A 68 -13.56 18.37 -7.96
N SER A 69 -13.20 19.56 -7.53
CA SER A 69 -13.29 19.91 -6.11
C SER A 69 -14.74 20.18 -5.70
N ALA A 70 -14.94 20.32 -4.40
CA ALA A 70 -16.25 20.70 -3.87
C ALA A 70 -16.72 22.05 -4.44
N VAL A 71 -15.81 23.00 -4.63
CA VAL A 71 -16.19 24.27 -5.26
C VAL A 71 -16.50 24.04 -6.74
N GLY A 72 -15.66 23.24 -7.41
CA GLY A 72 -15.96 22.80 -8.77
C GLY A 72 -15.66 23.79 -9.88
N ASN A 73 -14.84 24.80 -9.59
CA ASN A 73 -14.38 25.74 -10.60
C ASN A 73 -13.53 25.01 -11.65
N ALA A 74 -13.41 25.62 -12.83
CA ALA A 74 -12.73 24.98 -13.97
C ALA A 74 -11.31 24.54 -13.65
N GLU A 75 -10.57 25.32 -12.84
CA GLU A 75 -9.18 25.01 -12.49
C GLU A 75 -9.07 23.74 -11.65
N SER A 76 -10.20 23.30 -11.08
CA SER A 76 -10.26 22.15 -10.19
C SER A 76 -10.60 20.84 -10.91
N ARG A 77 -10.85 20.87 -12.22
CA ARG A 77 -11.38 19.72 -12.95
C ARG A 77 -10.28 18.96 -13.66
N TYR A 78 -10.36 17.63 -13.54
CA TYR A 78 -9.38 16.73 -14.16
C TYR A 78 -10.08 15.57 -14.84
N VAL A 79 -9.44 15.07 -15.89
CA VAL A 79 -9.91 13.87 -16.59
C VAL A 79 -9.68 12.63 -15.73
N LEU A 80 -10.69 11.76 -15.69
CA LEU A 80 -10.64 10.47 -14.99
C LEU A 80 -10.87 9.39 -16.03
N THR A 81 -10.07 8.32 -16.00
CA THR A 81 -10.30 7.16 -16.85
CA THR A 81 -10.31 7.15 -16.84
C THR A 81 -9.99 5.88 -16.07
N GLY A 82 -10.76 4.83 -16.32
CA GLY A 82 -10.54 3.58 -15.61
C GLY A 82 -11.28 2.43 -16.25
N ARG A 83 -11.39 1.36 -15.49
CA ARG A 83 -12.03 0.12 -15.95
C ARG A 83 -12.85 -0.46 -14.82
N TYR A 84 -13.89 -1.22 -15.16
CA TYR A 84 -14.65 -1.94 -14.16
C TYR A 84 -15.11 -3.27 -14.73
N ASP A 85 -15.47 -4.18 -13.83
CA ASP A 85 -15.98 -5.50 -14.24
C ASP A 85 -17.43 -5.33 -14.71
N SER A 86 -17.65 -5.48 -16.02
CA SER A 86 -18.98 -5.28 -16.60
C SER A 86 -19.91 -6.47 -16.43
N ALA A 87 -19.42 -7.57 -15.84
CA ALA A 87 -20.26 -8.74 -15.57
C ALA A 87 -19.91 -9.33 -14.22
N PRO A 88 -20.24 -8.60 -13.13
CA PRO A 88 -19.86 -9.07 -11.80
C PRO A 88 -20.56 -10.35 -11.39
N ALA A 89 -20.03 -10.99 -10.34
CA ALA A 89 -20.68 -12.16 -9.79
C ALA A 89 -22.06 -11.81 -9.27
N THR A 90 -22.91 -12.81 -9.15
CA THR A 90 -24.30 -12.64 -8.68
C THR A 90 -24.50 -13.33 -7.33
N ASP A 91 -23.49 -13.25 -6.47
CA ASP A 91 -23.49 -13.91 -5.16
C ASP A 91 -23.44 -12.93 -3.99
N GLY A 92 -23.67 -11.64 -4.26
CA GLY A 92 -23.54 -10.59 -3.26
C GLY A 92 -22.21 -9.87 -3.29
N SER A 93 -21.27 -10.34 -4.12
CA SER A 93 -19.99 -9.65 -4.25
C SER A 93 -20.16 -8.28 -4.90
N GLY A 94 -19.27 -7.38 -4.52
CA GLY A 94 -19.16 -6.09 -5.18
C GLY A 94 -18.61 -6.20 -6.58
N THR A 95 -18.52 -5.04 -7.24
CA THR A 95 -18.03 -4.90 -8.60
C THR A 95 -16.65 -4.25 -8.59
N ALA A 96 -15.63 -5.01 -8.96
CA ALA A 96 -14.25 -4.51 -8.97
C ALA A 96 -14.07 -3.40 -9.99
N LEU A 97 -13.27 -2.40 -9.61
CA LEU A 97 -13.01 -1.27 -10.49
C LEU A 97 -11.70 -0.60 -10.12
N GLY A 98 -11.24 0.26 -11.01
CA GLY A 98 -10.13 1.16 -10.72
C GLY A 98 -10.14 2.33 -11.66
N TRP A 99 -9.52 3.42 -11.24
CA TRP A 99 -9.37 4.56 -12.13
C TRP A 99 -8.14 5.36 -11.77
N THR A 100 -7.74 6.23 -12.71
CA THR A 100 -6.58 7.09 -12.55
C THR A 100 -6.98 8.54 -12.85
N VAL A 101 -6.38 9.46 -12.10
CA VAL A 101 -6.36 10.89 -12.44
C VAL A 101 -4.90 11.34 -12.38
N ALA A 102 -4.41 11.91 -13.49
CA ALA A 102 -3.14 12.65 -13.47
C ALA A 102 -3.48 14.10 -13.13
N TRP A 103 -2.75 14.66 -12.18
CA TRP A 103 -3.07 15.98 -11.61
C TRP A 103 -2.50 17.11 -12.46
N LYS A 104 -2.85 17.07 -13.74
CA LYS A 104 -2.52 18.11 -14.71
CA LYS A 104 -2.53 18.12 -14.69
C LYS A 104 -3.80 18.51 -15.43
N ASN A 105 -4.04 19.81 -15.50
CA ASN A 105 -5.02 20.35 -16.43
C ASN A 105 -4.36 21.59 -17.06
N ASN A 106 -5.09 22.39 -17.83
CA ASN A 106 -4.42 23.50 -18.49
C ASN A 106 -4.03 24.62 -17.54
N TYR A 107 -4.60 24.61 -16.34
CA TYR A 107 -4.38 25.66 -15.36
C TYR A 107 -3.24 25.38 -14.40
N ARG A 108 -3.01 24.11 -14.04
CA ARG A 108 -2.05 23.77 -13.02
C ARG A 108 -1.60 22.33 -13.18
N ASN A 109 -0.45 22.04 -12.59
CA ASN A 109 0.15 20.73 -12.73
C ASN A 109 0.94 20.41 -11.48
N ALA A 110 0.49 19.39 -10.75
CA ALA A 110 1.15 18.95 -9.53
C ALA A 110 2.26 17.94 -9.78
N HIS A 111 2.44 17.49 -11.02
CA HIS A 111 3.46 16.47 -11.36
C HIS A 111 3.27 15.23 -10.50
N SER A 112 2.04 14.74 -10.52
CA SER A 112 1.65 13.57 -9.75
C SER A 112 0.38 12.98 -10.36
N ALA A 113 0.10 11.74 -9.95
CA ALA A 113 -1.08 11.03 -10.43
C ALA A 113 -1.53 10.07 -9.37
N THR A 114 -2.84 9.86 -9.27
CA THR A 114 -3.42 8.95 -8.28
C THR A 114 -4.18 7.85 -8.98
N THR A 115 -4.06 6.63 -8.42
CA THR A 115 -4.93 5.53 -8.81
C THR A 115 -5.77 5.11 -7.63
N TRP A 116 -7.04 4.79 -7.91
CA TRP A 116 -7.96 4.24 -6.91
C TRP A 116 -8.31 2.83 -7.35
N SER A 117 -8.23 1.90 -6.40
CA SER A 117 -8.58 0.51 -6.61
C SER A 117 -9.65 0.13 -5.61
N GLY A 118 -10.77 -0.45 -6.05
CA GLY A 118 -11.81 -0.72 -5.09
C GLY A 118 -12.98 -1.45 -5.69
N GLN A 119 -14.14 -1.30 -5.05
CA GLN A 119 -15.33 -1.96 -5.53
C GLN A 119 -16.55 -1.09 -5.30
N TYR A 120 -17.49 -1.23 -6.23
CA TYR A 120 -18.83 -0.71 -6.10
C TYR A 120 -19.69 -1.72 -5.35
N VAL A 121 -20.45 -1.21 -4.38
CA VAL A 121 -21.31 -2.01 -3.52
C VAL A 121 -22.73 -1.51 -3.74
N GLY A 122 -23.55 -2.31 -4.43
CA GLY A 122 -24.92 -1.94 -4.69
C GLY A 122 -25.77 -2.06 -3.44
N GLY A 123 -26.85 -1.31 -3.42
CA GLY A 123 -27.75 -1.35 -2.28
C GLY A 123 -28.77 -0.25 -2.37
N ALA A 124 -29.55 -0.09 -1.31
CA ALA A 124 -30.45 1.05 -1.21
C ALA A 124 -29.68 2.36 -1.35
N GLU A 125 -28.49 2.41 -0.76
CA GLU A 125 -27.55 3.52 -0.95
C GLU A 125 -26.23 2.94 -1.44
N ALA A 126 -25.96 3.12 -2.73
CA ALA A 126 -24.74 2.57 -3.32
C ALA A 126 -23.49 3.28 -2.79
N ARG A 127 -22.37 2.58 -2.79
CA ARG A 127 -21.11 3.10 -2.27
C ARG A 127 -19.98 2.55 -3.12
N ILE A 128 -18.93 3.35 -3.27
CA ILE A 128 -17.67 2.87 -3.84
C ILE A 128 -16.60 3.01 -2.76
N ASN A 129 -15.98 1.89 -2.39
CA ASN A 129 -14.91 1.89 -1.40
C ASN A 129 -13.58 1.68 -2.10
N THR A 130 -12.57 2.48 -1.75
CA THR A 130 -11.29 2.47 -2.43
C THR A 130 -10.09 2.54 -1.49
N GLN A 131 -8.99 2.05 -2.06
CA GLN A 131 -7.61 2.30 -1.60
CA GLN A 131 -7.67 2.40 -1.56
C GLN A 131 -6.96 3.08 -2.72
N TRP A 132 -6.10 4.04 -2.40
CA TRP A 132 -5.44 4.83 -3.42
C TRP A 132 -3.94 4.87 -3.23
N LEU A 133 -3.26 5.13 -4.35
CA LEU A 133 -1.81 5.36 -4.43
C LEU A 133 -1.62 6.66 -5.18
N LEU A 134 -0.88 7.59 -4.59
CA LEU A 134 -0.58 8.89 -5.17
C LEU A 134 0.93 8.96 -5.39
N THR A 135 1.34 9.02 -6.65
CA THR A 135 2.76 9.04 -7.00
C THR A 135 3.15 10.36 -7.63
N SER A 136 4.24 10.91 -7.11
CA SER A 136 4.89 12.10 -7.70
CA SER A 136 4.87 12.12 -7.66
C SER A 136 6.01 11.73 -8.63
N GLY A 137 6.20 12.56 -9.65
CA GLY A 137 7.45 12.51 -10.39
C GLY A 137 8.57 13.01 -9.49
N THR A 138 9.64 12.24 -9.37
CA THR A 138 10.76 12.56 -8.49
C THR A 138 12.06 12.26 -9.21
N THR A 139 13.15 12.77 -8.67
CA THR A 139 14.47 12.29 -9.07
C THR A 139 14.62 10.83 -8.65
N GLU A 140 15.59 10.12 -9.22
CA GLU A 140 15.86 8.76 -8.76
C GLU A 140 16.22 8.74 -7.28
N ALA A 141 16.96 9.74 -6.82
CA ALA A 141 17.35 9.77 -5.41
C ALA A 141 16.16 9.89 -4.46
N ASN A 142 15.06 10.49 -4.92
CA ASN A 142 13.88 10.66 -4.09
C ASN A 142 12.76 9.67 -4.41
N ALA A 143 13.01 8.70 -5.28
CA ALA A 143 11.95 7.79 -5.74
C ALA A 143 11.39 6.95 -4.60
N TRP A 144 12.21 6.63 -3.60
CA TRP A 144 11.75 5.87 -2.44
C TRP A 144 10.59 6.53 -1.73
N LYS A 145 10.50 7.86 -1.81
CA LYS A 145 9.43 8.61 -1.17
C LYS A 145 8.48 9.23 -2.18
N SER A 146 8.30 8.54 -3.31
CA SER A 146 7.43 9.03 -4.38
C SER A 146 5.95 8.69 -4.24
N THR A 147 5.59 7.71 -3.40
CA THR A 147 4.24 7.16 -3.45
C THR A 147 3.60 7.08 -2.07
N LEU A 148 2.53 7.86 -1.92
CA LEU A 148 1.67 7.84 -0.75
C LEU A 148 0.54 6.84 -0.91
N VAL A 149 0.06 6.31 0.21
CA VAL A 149 -1.08 5.41 0.21
C VAL A 149 -2.18 5.96 1.10
N GLY A 150 -3.43 5.65 0.75
CA GLY A 150 -4.57 6.05 1.55
C GLY A 150 -5.82 5.34 1.11
N HIS A 151 -6.95 5.88 1.53
CA HIS A 151 -8.24 5.26 1.27
C HIS A 151 -9.31 6.33 1.24
N ASP A 152 -10.41 6.03 0.56
CA ASP A 152 -11.56 6.93 0.54
C ASP A 152 -12.80 6.17 0.13
N THR A 153 -13.96 6.74 0.43
CA THR A 153 -15.22 6.16 0.09
CA THR A 153 -15.25 6.15 0.13
C THR A 153 -16.13 7.24 -0.49
N PHE A 154 -16.96 6.83 -1.45
CA PHE A 154 -17.81 7.73 -2.20
C PHE A 154 -19.24 7.22 -2.18
N THR A 155 -20.19 8.16 -2.18
CA THR A 155 -21.61 7.84 -2.35
C THR A 155 -22.24 8.81 -3.34
N LYS A 156 -23.49 8.56 -3.74
CA LYS A 156 -24.20 9.49 -4.63
C LYS A 156 -24.95 10.62 -3.90
N VAL A 157 -24.73 10.77 -2.59
CA VAL A 157 -25.39 11.81 -1.79
C VAL A 157 -24.41 12.97 -1.59
N LYS A 158 -24.81 14.16 -2.04
CA LYS A 158 -23.99 15.36 -1.85
C LYS A 158 -23.98 15.71 -0.35
N PRO A 159 -22.78 15.85 0.26
CA PRO A 159 -22.73 16.21 1.69
C PRO A 159 -23.05 17.68 1.94
N ALA B 1 4.65 16.43 -7.03
CA ALA B 1 4.39 17.08 -5.72
C ALA B 1 3.05 16.67 -5.14
N PHE B 2 2.86 16.99 -3.85
CA PHE B 2 1.64 16.66 -3.12
C PHE B 2 1.06 17.97 -2.53
N PRO B 3 0.68 18.92 -3.38
CA PRO B 3 0.23 20.22 -2.85
C PRO B 3 -1.07 20.11 -2.05
N ASP B 4 -1.25 21.08 -1.16
CA ASP B 4 -2.39 21.07 -0.26
C ASP B 4 -3.74 21.06 -0.96
N TYR B 5 -3.85 21.65 -2.15
CA TYR B 5 -5.14 21.67 -2.85
C TYR B 5 -5.58 20.26 -3.26
N LEU B 6 -4.65 19.30 -3.29
CA LEU B 6 -5.04 17.92 -3.58
C LEU B 6 -5.67 17.20 -2.40
N ALA B 7 -5.59 17.74 -1.19
CA ALA B 7 -6.02 17.00 -0.02
C ALA B 7 -7.46 16.50 -0.12
N GLU B 8 -8.38 17.40 -0.47
CA GLU B 8 -9.80 17.02 -0.51
C GLU B 8 -10.08 15.85 -1.45
N TYR B 9 -9.39 15.83 -2.58
CA TYR B 9 -9.60 14.79 -3.59
C TYR B 9 -9.19 13.42 -3.08
N HIS B 10 -8.35 13.39 -2.04
CA HIS B 10 -7.85 12.18 -1.40
C HIS B 10 -8.55 11.86 -0.09
N GLY B 11 -9.59 12.64 0.25
CA GLY B 11 -10.37 12.41 1.46
C GLY B 11 -9.84 13.11 2.71
N GLY B 12 -8.90 14.04 2.56
CA GLY B 12 -8.26 14.69 3.72
C GLY B 12 -8.19 16.19 3.66
N NH2 B 13 -8.96 16.81 2.66
N GLY C 40 16.81 -19.66 11.54
CA GLY C 40 17.00 -19.06 10.19
C GLY C 40 16.98 -17.55 10.15
N ILE C 41 16.00 -16.95 10.82
CA ILE C 41 15.84 -15.50 10.84
C ILE C 41 16.96 -14.82 11.63
N THR C 42 17.34 -15.39 12.76
CA THR C 42 18.37 -14.77 13.58
C THR C 42 19.66 -14.56 12.80
N GLY C 43 20.19 -13.35 12.86
CA GLY C 43 21.44 -13.05 12.21
C GLY C 43 21.51 -11.62 11.73
N THR C 44 22.41 -11.41 10.76
CA THR C 44 22.71 -10.09 10.24
C THR C 44 22.27 -10.03 8.79
N TRP C 45 21.46 -9.03 8.49
CA TRP C 45 20.81 -8.87 7.19
C TRP C 45 21.18 -7.54 6.55
N TYR C 46 21.19 -7.51 5.21
CA TYR C 46 21.56 -6.34 4.44
CA TYR C 46 21.56 -6.34 4.43
C TYR C 46 20.58 -6.12 3.30
N ASN C 47 20.31 -4.87 2.97
CA ASN C 47 19.66 -4.58 1.69
C ASN C 47 20.73 -4.23 0.65
N GLN C 48 20.31 -3.86 -0.56
CA GLN C 48 21.26 -3.64 -1.66
C GLN C 48 22.11 -2.39 -1.47
N LEU C 49 21.68 -1.49 -0.59
CA LEU C 49 22.49 -0.31 -0.27
CA LEU C 49 22.44 -0.27 -0.22
C LEU C 49 23.43 -0.53 0.91
N GLY C 50 23.39 -1.71 1.52
CA GLY C 50 24.25 -2.02 2.64
C GLY C 50 23.70 -1.57 3.99
N SER C 51 22.48 -1.04 4.05
CA SER C 51 21.82 -0.82 5.34
C SER C 51 21.67 -2.20 5.96
N THR C 52 21.86 -2.29 7.27
CA THR C 52 22.08 -3.57 7.94
CA THR C 52 22.00 -3.58 7.90
C THR C 52 21.32 -3.63 9.25
N PHE C 53 20.58 -4.71 9.48
CA PHE C 53 20.04 -4.95 10.81
C PHE C 53 20.52 -6.27 11.36
N ILE C 54 20.71 -6.29 12.67
CA ILE C 54 20.86 -7.52 13.42
C ILE C 54 19.50 -7.81 14.02
N VAL C 55 19.11 -9.07 14.00
CA VAL C 55 17.82 -9.45 14.57
C VAL C 55 17.95 -10.81 15.23
N THR C 56 17.25 -10.95 16.35
CA THR C 56 17.11 -12.22 17.01
C THR C 56 15.64 -12.60 16.98
N ALA C 57 15.38 -13.81 16.48
CA ALA C 57 14.06 -14.43 16.48
C ALA C 57 13.96 -15.26 17.76
N GLY C 58 13.25 -14.69 18.74
CA GLY C 58 13.13 -15.26 20.07
C GLY C 58 12.25 -16.48 20.11
N ALA C 59 12.33 -17.20 21.23
CA ALA C 59 11.67 -18.50 21.34
C ALA C 59 10.15 -18.46 21.20
N ASP C 60 9.55 -17.33 21.59
CA ASP C 60 8.10 -17.17 21.66
C ASP C 60 7.61 -16.07 20.69
N GLY C 61 8.27 -15.93 19.54
CA GLY C 61 7.76 -15.14 18.44
C GLY C 61 8.25 -13.71 18.35
N ALA C 62 9.15 -13.31 19.24
CA ALA C 62 9.63 -11.93 19.24
C ALA C 62 10.73 -11.74 18.21
N LEU C 63 10.74 -10.56 17.59
CA LEU C 63 11.89 -10.07 16.84
C LEU C 63 12.45 -8.87 17.59
N THR C 64 13.76 -8.88 17.85
CA THR C 64 14.42 -7.77 18.52
CA THR C 64 14.42 -7.77 18.53
C THR C 64 15.77 -7.52 17.85
N GLY C 65 16.11 -6.26 17.66
CA GLY C 65 17.39 -5.97 17.08
C GLY C 65 17.64 -4.50 16.89
N THR C 66 18.54 -4.21 15.97
CA THR C 66 19.05 -2.88 15.70
CA THR C 66 18.95 -2.85 15.68
C THR C 66 19.22 -2.73 14.20
N TYR C 67 18.76 -1.62 13.64
CA TYR C 67 18.91 -1.32 12.21
C TYR C 67 19.81 -0.10 12.08
N GLU C 68 20.83 -0.20 11.24
CA GLU C 68 21.79 0.88 11.06
C GLU C 68 22.12 1.11 9.59
N SER C 69 22.80 2.21 9.32
CA SER C 69 23.17 2.55 7.95
C SER C 69 24.38 1.76 7.52
N ALA C 70 24.71 1.88 6.23
CA ALA C 70 25.91 1.30 5.70
C ALA C 70 27.17 1.83 6.41
N VAL C 71 27.18 3.11 6.81
CA VAL C 71 28.30 3.67 7.58
C VAL C 71 28.30 3.08 8.98
N GLY C 72 27.12 2.94 9.59
CA GLY C 72 26.99 2.23 10.86
C GLY C 72 27.49 2.97 12.08
N ASN C 73 27.59 4.29 11.98
CA ASN C 73 27.94 5.16 13.12
C ASN C 73 26.80 5.19 14.13
N ALA C 74 27.08 5.64 15.36
CA ALA C 74 26.11 5.64 16.46
C ALA C 74 24.79 6.34 16.11
N GLU C 75 24.93 7.46 15.42
CA GLU C 75 23.80 8.30 15.02
C GLU C 75 22.84 7.57 14.07
N SER C 76 23.34 6.52 13.42
CA SER C 76 22.59 5.78 12.42
C SER C 76 21.84 4.57 12.95
N ARG C 77 21.95 4.26 14.25
CA ARG C 77 21.44 3.01 14.80
C ARG C 77 20.11 3.23 15.47
N TYR C 78 19.14 2.37 15.16
CA TYR C 78 17.79 2.46 15.72
C TYR C 78 17.33 1.09 16.20
N VAL C 79 16.51 1.11 17.24
CA VAL C 79 15.90 -0.11 17.78
C VAL C 79 14.83 -0.64 16.81
N LEU C 80 14.82 -1.95 16.62
CA LEU C 80 13.83 -2.66 15.80
C LEU C 80 13.12 -3.66 16.72
N THR C 81 11.79 -3.73 16.63
CA THR C 81 11.03 -4.73 17.37
CA THR C 81 11.04 -4.80 17.34
C THR C 81 9.88 -5.24 16.49
N GLY C 82 9.57 -6.53 16.58
CA GLY C 82 8.48 -7.09 15.82
C GLY C 82 8.13 -8.49 16.26
N ARG C 83 7.45 -9.20 15.37
CA ARG C 83 6.94 -10.54 15.65
C ARG C 83 7.10 -11.41 14.42
N TYR C 84 7.18 -12.72 14.63
CA TYR C 84 7.22 -13.67 13.52
C TYR C 84 6.47 -14.93 13.91
N ASP C 85 6.07 -15.71 12.91
CA ASP C 85 5.42 -17.01 13.12
C ASP C 85 6.49 -18.01 13.53
N SER C 86 6.47 -18.43 14.79
CA SER C 86 7.49 -19.35 15.31
C SER C 86 7.22 -20.81 15.00
N ALA C 87 6.10 -21.09 14.33
CA ALA C 87 5.81 -22.45 13.86
C ALA C 87 5.19 -22.40 12.46
N PRO C 88 6.01 -22.02 11.47
CA PRO C 88 5.48 -21.89 10.11
C PRO C 88 5.08 -23.22 9.50
N ALA C 89 4.30 -23.14 8.42
CA ALA C 89 3.96 -24.33 7.64
C ALA C 89 5.22 -24.98 7.07
N THR C 90 5.11 -26.28 6.82
CA THR C 90 6.22 -27.12 6.34
C THR C 90 6.12 -27.43 4.84
N ASP C 91 5.21 -26.76 4.15
CA ASP C 91 4.86 -27.08 2.76
C ASP C 91 5.60 -26.26 1.70
N GLY C 92 6.66 -25.55 2.10
CA GLY C 92 7.37 -24.67 1.19
C GLY C 92 6.99 -23.21 1.38
N SER C 93 5.99 -22.94 2.22
CA SER C 93 5.62 -21.57 2.53
C SER C 93 6.70 -20.83 3.30
N GLY C 94 6.81 -19.54 3.07
CA GLY C 94 7.65 -18.68 3.87
C GLY C 94 7.10 -18.49 5.27
N THR C 95 7.89 -17.78 6.09
CA THR C 95 7.54 -17.48 7.48
C THR C 95 7.09 -16.04 7.60
N ALA C 96 5.83 -15.84 7.95
CA ALA C 96 5.28 -14.49 8.08
C ALA C 96 5.93 -13.74 9.23
N LEU C 97 6.16 -12.44 9.02
CA LEU C 97 6.78 -11.61 10.03
C LEU C 97 6.44 -10.14 9.79
N GLY C 98 6.78 -9.33 10.79
CA GLY C 98 6.72 -7.87 10.65
C GLY C 98 7.57 -7.23 11.72
N TRP C 99 8.00 -5.99 11.46
CA TRP C 99 8.70 -5.25 12.50
C TRP C 99 8.52 -3.76 12.28
N THR C 100 8.87 -3.00 13.31
CA THR C 100 8.78 -1.55 13.32
C THR C 100 10.11 -0.94 13.74
N VAL C 101 10.45 0.18 13.11
CA VAL C 101 11.50 1.08 13.60
C VAL C 101 10.89 2.47 13.71
N ALA C 102 10.92 3.07 14.90
CA ALA C 102 10.66 4.51 15.06
C ALA C 102 11.99 5.23 14.87
N TRP C 103 11.98 6.27 14.03
CA TRP C 103 13.22 6.93 13.60
C TRP C 103 13.67 8.00 14.60
N LYS C 104 13.78 7.57 15.86
CA LYS C 104 14.33 8.36 16.93
C LYS C 104 15.41 7.54 17.61
N ASN C 105 16.55 8.17 17.87
CA ASN C 105 17.57 7.60 18.76
C ASN C 105 18.09 8.73 19.63
N ASN C 106 19.21 8.52 20.34
CA ASN C 106 19.73 9.59 21.21
C ASN C 106 20.33 10.78 20.46
N TYR C 107 20.50 10.66 19.14
CA TYR C 107 21.18 11.66 18.32
C TYR C 107 20.28 12.44 17.38
N ARG C 108 19.23 11.81 16.86
CA ARG C 108 18.32 12.52 15.97
C ARG C 108 16.94 11.92 16.01
N ASN C 109 16.00 12.66 15.43
CA ASN C 109 14.59 12.27 15.48
C ASN C 109 13.88 12.80 14.24
N ALA C 110 13.44 11.90 13.38
CA ALA C 110 12.74 12.27 12.16
C ALA C 110 11.23 12.43 12.35
N HIS C 111 10.71 12.11 13.55
CA HIS C 111 9.28 12.14 13.84
C HIS C 111 8.50 11.30 12.83
N SER C 112 8.95 10.07 12.71
CA SER C 112 8.36 9.11 11.78
C SER C 112 8.71 7.70 12.21
N ALA C 113 7.99 6.73 11.64
CA ALA C 113 8.19 5.34 11.98
C ALA C 113 7.81 4.49 10.77
N THR C 114 8.53 3.40 10.57
CA THR C 114 8.29 2.48 9.45
C THR C 114 7.95 1.10 9.96
N THR C 115 6.98 0.47 9.31
CA THR C 115 6.69 -0.94 9.52
C THR C 115 6.98 -1.72 8.25
N TRP C 116 7.60 -2.89 8.41
CA TRP C 116 7.85 -3.83 7.33
C TRP C 116 6.99 -5.06 7.58
N SER C 117 6.27 -5.50 6.55
CA SER C 117 5.44 -6.69 6.58
C SER C 117 5.91 -7.62 5.47
N GLY C 118 6.20 -8.88 5.78
CA GLY C 118 6.71 -9.75 4.76
C GLY C 118 6.92 -11.16 5.23
N GLN C 119 7.82 -11.85 4.53
CA GLN C 119 8.12 -13.23 4.87
C GLN C 119 9.58 -13.54 4.68
N TYR C 120 10.04 -14.42 5.56
CA TYR C 120 11.35 -15.05 5.47
C TYR C 120 11.25 -16.32 4.62
N VAL C 121 12.19 -16.46 3.70
CA VAL C 121 12.29 -17.62 2.82
C VAL C 121 13.69 -18.18 3.08
N GLY C 122 13.76 -19.39 3.63
CA GLY C 122 15.04 -19.98 4.00
C GLY C 122 15.77 -20.63 2.85
N GLY C 123 16.89 -21.28 3.19
CA GLY C 123 17.72 -22.01 2.24
C GLY C 123 19.07 -21.35 2.06
N ALA C 124 19.81 -21.85 1.07
CA ALA C 124 21.19 -21.42 0.81
C ALA C 124 21.31 -19.92 0.55
N GLU C 125 20.30 -19.35 -0.09
CA GLU C 125 20.22 -17.91 -0.31
C GLU C 125 18.97 -17.34 0.37
N ALA C 126 19.00 -17.38 1.70
CA ALA C 126 17.88 -16.92 2.52
C ALA C 126 17.56 -15.46 2.23
N ARG C 127 16.29 -15.12 2.29
CA ARG C 127 15.85 -13.76 1.97
C ARG C 127 14.67 -13.38 2.83
N ILE C 128 14.54 -12.09 3.11
CA ILE C 128 13.32 -11.55 3.70
C ILE C 128 12.77 -10.54 2.70
N ASN C 129 11.57 -10.83 2.19
CA ASN C 129 10.88 -9.96 1.22
C ASN C 129 9.82 -9.17 1.94
N THR C 130 9.80 -7.85 1.76
CA THR C 130 8.92 -6.98 2.52
C THR C 130 8.23 -5.94 1.66
N GLN C 131 7.10 -5.50 2.21
CA GLN C 131 6.40 -4.24 1.87
CA GLN C 131 6.53 -4.21 1.84
C GLN C 131 6.50 -3.37 3.11
N TRP C 132 6.69 -2.05 2.94
CA TRP C 132 6.75 -1.17 4.09
C TRP C 132 5.79 0.00 3.99
N LEU C 133 5.47 0.54 5.17
CA LEU C 133 4.72 1.77 5.34
C LEU C 133 5.52 2.68 6.23
N LEU C 134 5.75 3.91 5.79
CA LEU C 134 6.51 4.92 6.54
C LEU C 134 5.55 6.05 6.85
N THR C 135 5.25 6.25 8.14
CA THR C 135 4.33 7.29 8.57
C THR C 135 5.06 8.38 9.34
N SER C 136 4.81 9.62 8.93
CA SER C 136 5.24 10.81 9.66
CA SER C 136 5.27 10.79 9.64
C SER C 136 4.20 11.27 10.63
N GLY C 137 4.65 11.82 11.76
CA GLY C 137 3.77 12.61 12.60
C GLY C 137 3.43 13.87 11.83
N THR C 138 2.14 14.15 11.66
CA THR C 138 1.67 15.31 10.90
C THR C 138 0.55 16.00 11.66
N THR C 139 0.27 17.23 11.25
CA THR C 139 -0.97 17.85 11.65
C THR C 139 -2.16 17.10 11.05
N GLU C 140 -3.35 17.34 11.58
CA GLU C 140 -4.55 16.73 11.03
C GLU C 140 -4.76 17.14 9.57
N ALA C 141 -4.49 18.40 9.24
CA ALA C 141 -4.63 18.88 7.87
C ALA C 141 -3.74 18.13 6.88
N ASN C 142 -2.60 17.63 7.34
CA ASN C 142 -1.66 16.93 6.48
C ASN C 142 -1.69 15.42 6.62
N ALA C 143 -2.62 14.89 7.41
CA ALA C 143 -2.63 13.44 7.68
C ALA C 143 -2.84 12.61 6.44
N TRP C 144 -3.58 13.14 5.46
CA TRP C 144 -3.82 12.42 4.21
C TRP C 144 -2.52 12.07 3.49
N LYS C 145 -1.46 12.86 3.71
CA LYS C 145 -0.15 12.63 3.09
C LYS C 145 0.89 12.22 4.14
N SER C 146 0.46 11.48 5.16
CA SER C 146 1.35 11.06 6.22
C SER C 146 2.10 9.76 5.94
N THR C 147 1.63 8.93 5.00
CA THR C 147 2.11 7.55 4.90
C THR C 147 2.54 7.19 3.48
N LEU C 148 3.84 6.93 3.36
CA LEU C 148 4.44 6.39 2.15
C LEU C 148 4.43 4.88 2.14
N VAL C 149 4.39 4.29 0.94
CA VAL C 149 4.48 2.85 0.77
C VAL C 149 5.68 2.51 -0.11
N GLY C 150 6.26 1.36 0.15
CA GLY C 150 7.36 0.87 -0.66
C GLY C 150 7.64 -0.59 -0.37
N HIS C 151 8.81 -1.04 -0.81
CA HIS C 151 9.20 -2.44 -0.68
C HIS C 151 10.71 -2.55 -0.60
N ASP C 152 11.17 -3.66 -0.03
CA ASP C 152 12.60 -3.94 0.01
C ASP C 152 12.81 -5.41 0.27
N THR C 153 14.01 -5.89 -0.07
CA THR C 153 14.39 -7.28 0.18
CA THR C 153 14.42 -7.27 0.16
C THR C 153 15.76 -7.28 0.84
N PHE C 154 15.90 -8.19 1.81
CA PHE C 154 17.12 -8.32 2.60
C PHE C 154 17.71 -9.72 2.41
N THR C 155 19.03 -9.79 2.42
CA THR C 155 19.73 -11.09 2.41
C THR C 155 20.82 -11.07 3.47
N LYS C 156 21.41 -12.24 3.71
CA LYS C 156 22.54 -12.34 4.64
C LYS C 156 23.91 -12.04 4.00
N VAL C 157 23.96 -11.66 2.72
CA VAL C 157 25.22 -11.34 2.03
C VAL C 157 25.43 -9.82 1.91
N LYS C 158 26.59 -9.35 2.38
CA LYS C 158 27.03 -7.96 2.16
C LYS C 158 27.10 -7.61 0.67
N PRO C 159 26.48 -6.48 0.25
CA PRO C 159 26.65 -6.04 -1.15
C PRO C 159 28.06 -5.56 -1.47
N ALA D 1 8.65 13.56 9.61
CA ALA D 1 9.35 13.97 8.36
C ALA D 1 9.93 12.75 7.65
N PHE D 2 10.33 12.98 6.40
CA PHE D 2 10.94 11.94 5.55
C PHE D 2 12.33 12.41 5.08
N PRO D 3 13.25 12.67 6.02
CA PRO D 3 14.55 13.22 5.60
C PRO D 3 15.35 12.26 4.71
N ASP D 4 16.21 12.86 3.88
CA ASP D 4 16.95 12.10 2.88
C ASP D 4 17.84 10.99 3.46
N TYR D 5 18.34 11.16 4.69
CA TYR D 5 19.16 10.10 5.30
C TYR D 5 18.38 8.81 5.54
N LEU D 6 17.05 8.86 5.53
CA LEU D 6 16.26 7.63 5.64
C LEU D 6 16.21 6.79 4.37
N ALA D 7 16.62 7.35 3.23
CA ALA D 7 16.43 6.66 1.97
C ALA D 7 17.00 5.25 1.96
N GLU D 8 18.25 5.10 2.38
CA GLU D 8 18.90 3.80 2.28
C GLU D 8 18.16 2.74 3.08
N TYR D 9 17.65 3.12 4.23
CA TYR D 9 16.96 2.18 5.11
C TYR D 9 15.68 1.65 4.47
N HIS D 10 15.15 2.40 3.51
CA HIS D 10 13.94 2.06 2.78
C HIS D 10 14.22 1.45 1.41
N GLY D 11 15.49 1.16 1.12
CA GLY D 11 15.84 0.48 -0.13
C GLY D 11 16.09 1.43 -1.29
N GLY D 12 16.19 2.72 -1.03
CA GLY D 12 16.41 3.70 -2.10
C GLY D 12 17.40 4.79 -1.80
N NH2 D 13 18.28 4.56 -0.76
N ALA E 39 12.10 7.15 -28.01
CA ALA E 39 12.09 7.36 -26.53
C ALA E 39 10.75 7.92 -26.05
N GLY E 40 10.31 7.45 -24.88
CA GLY E 40 9.06 7.89 -24.27
C GLY E 40 8.21 6.72 -23.80
N ILE E 41 7.04 7.05 -23.26
CA ILE E 41 6.14 6.02 -22.72
C ILE E 41 5.54 5.14 -23.80
N THR E 42 5.15 5.72 -24.93
CA THR E 42 4.58 4.94 -26.02
C THR E 42 5.52 3.82 -26.42
N GLY E 43 5.01 2.60 -26.47
CA GLY E 43 5.81 1.46 -26.89
C GLY E 43 5.35 0.18 -26.26
N THR E 44 6.20 -0.83 -26.38
CA THR E 44 5.94 -2.16 -25.84
C THR E 44 6.87 -2.40 -24.67
N TRP E 45 6.27 -2.75 -23.54
CA TRP E 45 6.96 -2.89 -22.27
C TRP E 45 6.76 -4.31 -21.74
N TYR E 46 7.76 -4.77 -20.98
CA TYR E 46 7.77 -6.12 -20.42
CA TYR E 46 7.77 -6.12 -20.43
C TYR E 46 8.15 -6.08 -18.97
N ASN E 47 7.51 -6.92 -18.16
CA ASN E 47 8.07 -7.21 -16.84
C ASN E 47 9.03 -8.41 -16.94
N GLN E 48 9.63 -8.79 -15.81
CA GLN E 48 10.65 -9.84 -15.82
C GLN E 48 10.13 -11.20 -16.23
N LEU E 49 8.83 -11.41 -16.10
CA LEU E 49 8.19 -12.66 -16.51
C LEU E 49 7.68 -12.63 -17.95
N GLY E 50 7.90 -11.52 -18.64
CA GLY E 50 7.53 -11.38 -20.04
C GLY E 50 6.10 -10.95 -20.27
N SER E 51 5.33 -10.66 -19.22
CA SER E 51 4.02 -10.06 -19.42
C SER E 51 4.24 -8.72 -20.15
N THR E 52 3.38 -8.42 -21.11
CA THR E 52 3.69 -7.44 -22.15
C THR E 52 2.57 -6.43 -22.24
N PHE E 53 2.87 -5.15 -22.02
CA PHE E 53 1.87 -4.14 -22.37
C PHE E 53 2.31 -3.23 -23.46
N ILE E 54 1.35 -2.98 -24.31
CA ILE E 54 1.53 -2.20 -25.48
C ILE E 54 0.68 -0.97 -25.24
N VAL E 55 1.32 0.19 -25.17
CA VAL E 55 0.66 1.40 -24.73
C VAL E 55 0.94 2.56 -25.70
N THR E 56 -0.05 3.42 -25.83
CA THR E 56 0.09 4.69 -26.51
C THR E 56 -0.18 5.79 -25.51
N ALA E 57 0.77 6.72 -25.42
CA ALA E 57 0.66 7.89 -24.55
C ALA E 57 0.26 9.06 -25.45
N GLY E 58 -1.00 9.50 -25.32
CA GLY E 58 -1.53 10.61 -26.12
C GLY E 58 -0.96 11.93 -25.65
N ALA E 59 -0.97 12.95 -26.53
CA ALA E 59 -0.26 14.21 -26.22
C ALA E 59 -0.79 14.99 -25.01
N ASP E 60 -2.04 14.76 -24.65
CA ASP E 60 -2.64 15.47 -23.52
C ASP E 60 -2.98 14.55 -22.34
N GLY E 61 -2.28 13.43 -22.23
CA GLY E 61 -2.26 12.68 -21.00
C GLY E 61 -2.92 11.32 -20.96
N ALA E 62 -3.53 10.86 -22.04
CA ALA E 62 -4.15 9.54 -22.03
C ALA E 62 -3.15 8.41 -22.21
N LEU E 63 -3.34 7.33 -21.46
CA LEU E 63 -2.71 6.04 -21.75
C LEU E 63 -3.78 5.07 -22.22
N THR E 64 -3.51 4.40 -23.34
CA THR E 64 -4.43 3.40 -23.89
CA THR E 64 -4.43 3.43 -23.92
C THR E 64 -3.62 2.24 -24.43
N GLY E 65 -4.14 1.03 -24.25
CA GLY E 65 -3.47 -0.12 -24.82
C GLY E 65 -4.00 -1.42 -24.30
N THR E 66 -3.12 -2.41 -24.30
CA THR E 66 -3.47 -3.78 -23.91
C THR E 66 -2.36 -4.36 -23.07
N TYR E 67 -2.73 -5.25 -22.17
CA TYR E 67 -1.77 -6.00 -21.34
C TYR E 67 -2.03 -7.47 -21.56
N GLU E 68 -0.99 -8.23 -21.86
CA GLU E 68 -1.14 -9.64 -22.20
C GLU E 68 -0.03 -10.46 -21.56
N SER E 69 -0.17 -11.77 -21.59
CA SER E 69 0.84 -12.66 -21.04
C SER E 69 2.01 -12.78 -21.99
N ALA E 70 3.07 -13.44 -21.51
CA ALA E 70 4.24 -13.75 -22.35
C ALA E 70 3.84 -14.61 -23.57
N VAL E 71 2.80 -15.43 -23.43
CA VAL E 71 2.29 -16.21 -24.58
C VAL E 71 1.61 -15.28 -25.59
N GLY E 72 0.80 -14.34 -25.09
CA GLY E 72 0.22 -13.29 -25.92
C GLY E 72 -0.96 -13.70 -26.77
N ASN E 73 -1.58 -14.83 -26.45
CA ASN E 73 -2.81 -15.27 -27.12
C ASN E 73 -3.99 -14.41 -26.69
N ALA E 74 -5.06 -14.42 -27.48
CA ALA E 74 -6.21 -13.54 -27.24
C ALA E 74 -6.80 -13.68 -25.83
N GLU E 75 -6.90 -14.90 -25.32
CA GLU E 75 -7.45 -15.13 -23.99
C GLU E 75 -6.62 -14.45 -22.88
N SER E 76 -5.35 -14.18 -23.18
CA SER E 76 -4.44 -13.55 -22.22
C SER E 76 -4.48 -12.02 -22.24
N ARG E 77 -5.21 -11.44 -23.18
CA ARG E 77 -5.12 -10.00 -23.44
CA ARG E 77 -5.15 -9.99 -23.47
C ARG E 77 -6.27 -9.23 -22.79
N TYR E 78 -5.92 -8.11 -22.15
CA TYR E 78 -6.90 -7.27 -21.45
C TYR E 78 -6.69 -5.81 -21.81
N VAL E 79 -7.77 -5.05 -21.80
CA VAL E 79 -7.71 -3.61 -22.06
C VAL E 79 -7.10 -2.86 -20.87
N LEU E 80 -6.27 -1.87 -21.19
CA LEU E 80 -5.59 -0.99 -20.24
C LEU E 80 -5.99 0.46 -20.55
N THR E 81 -6.28 1.26 -19.52
CA THR E 81 -6.46 2.71 -19.70
CA THR E 81 -6.51 2.67 -19.68
C THR E 81 -5.90 3.42 -18.48
N GLY E 82 -5.33 4.60 -18.72
CA GLY E 82 -4.75 5.37 -17.63
C GLY E 82 -4.44 6.78 -18.05
N ARG E 83 -3.63 7.43 -17.22
CA ARG E 83 -3.27 8.84 -17.41
C ARG E 83 -1.81 9.03 -17.05
N TYR E 84 -1.21 10.06 -17.62
CA TYR E 84 0.16 10.41 -17.25
C TYR E 84 0.32 11.93 -17.32
N ASP E 85 1.35 12.42 -16.64
CA ASP E 85 1.71 13.84 -16.68
C ASP E 85 2.36 14.14 -18.04
N SER E 86 1.63 14.85 -18.90
CA SER E 86 2.12 15.16 -20.24
C SER E 86 3.05 16.37 -20.28
N ALA E 87 3.31 17.01 -19.14
CA ALA E 87 4.30 18.09 -19.06
C ALA E 87 5.13 17.98 -17.78
N PRO E 88 5.96 16.93 -17.69
CA PRO E 88 6.72 16.70 -16.46
C PRO E 88 7.73 17.81 -16.17
N ALA E 89 8.17 17.90 -14.93
CA ALA E 89 9.13 18.91 -14.52
C ALA E 89 10.45 18.72 -15.26
N THR E 90 11.11 19.83 -15.57
CA THR E 90 12.38 19.82 -16.32
CA THR E 90 12.37 19.82 -16.31
C THR E 90 13.53 19.97 -15.31
N ASP E 91 13.74 18.94 -14.51
CA ASP E 91 14.71 19.05 -13.41
C ASP E 91 15.36 17.75 -13.00
N GLY E 92 15.20 16.71 -13.81
CA GLY E 92 15.70 15.37 -13.48
C GLY E 92 14.63 14.44 -12.93
N SER E 93 13.42 14.96 -12.70
CA SER E 93 12.33 14.14 -12.19
C SER E 93 11.76 13.22 -13.28
N GLY E 94 11.25 12.09 -12.83
CA GLY E 94 10.46 11.20 -13.67
C GLY E 94 9.07 11.73 -13.98
N THR E 95 8.32 10.95 -14.75
CA THR E 95 6.98 11.31 -15.21
C THR E 95 5.94 10.47 -14.48
N ALA E 96 5.09 11.11 -13.70
CA ALA E 96 4.04 10.40 -12.96
C ALA E 96 3.00 9.79 -13.90
N LEU E 97 2.51 8.61 -13.54
CA LEU E 97 1.51 7.93 -14.34
C LEU E 97 0.73 6.93 -13.50
N GLY E 98 -0.36 6.46 -14.09
CA GLY E 98 -1.11 5.35 -13.51
C GLY E 98 -1.99 4.72 -14.56
N TRP E 99 -2.35 3.46 -14.34
CA TRP E 99 -3.32 2.82 -15.23
C TRP E 99 -4.06 1.71 -14.51
N THR E 100 -5.15 1.27 -15.13
CA THR E 100 -6.02 0.21 -14.62
C THR E 100 -6.22 -0.88 -15.68
N VAL E 101 -6.26 -2.13 -15.20
CA VAL E 101 -6.77 -3.25 -15.98
C VAL E 101 -7.85 -3.93 -15.15
N ALA E 102 -9.05 -4.06 -15.71
CA ALA E 102 -10.06 -4.97 -15.13
C ALA E 102 -9.88 -6.33 -15.78
N TRP E 103 -9.84 -7.38 -14.94
CA TRP E 103 -9.48 -8.72 -15.42
C TRP E 103 -10.67 -9.48 -16.00
N LYS E 104 -11.31 -8.84 -16.97
CA LYS E 104 -12.38 -9.43 -17.77
C LYS E 104 -12.04 -9.17 -19.23
N ASN E 105 -12.16 -10.22 -20.04
CA ASN E 105 -12.16 -10.07 -21.50
C ASN E 105 -13.27 -10.96 -22.04
N ASN E 106 -13.27 -11.23 -23.34
CA ASN E 106 -14.35 -12.04 -23.94
C ASN E 106 -14.27 -13.52 -23.56
N TYR E 107 -13.16 -13.94 -22.99
CA TYR E 107 -12.91 -15.34 -22.68
C TYR E 107 -13.15 -15.73 -21.23
N ARG E 108 -12.83 -14.83 -20.30
CA ARG E 108 -12.90 -15.14 -18.89
C ARG E 108 -12.98 -13.88 -18.05
N ASN E 109 -13.25 -14.07 -16.77
CA ASN E 109 -13.52 -12.95 -15.87
C ASN E 109 -13.11 -13.36 -14.46
N ALA E 110 -12.10 -12.70 -13.93
CA ALA E 110 -11.62 -12.97 -12.57
C ALA E 110 -12.35 -12.15 -11.51
N HIS E 111 -13.26 -11.25 -11.90
CA HIS E 111 -13.98 -10.37 -10.96
C HIS E 111 -13.00 -9.61 -10.07
N SER E 112 -12.07 -8.94 -10.72
CA SER E 112 -11.02 -8.19 -10.04
C SER E 112 -10.44 -7.18 -10.99
N ALA E 113 -9.71 -6.22 -10.43
CA ALA E 113 -9.07 -5.17 -11.23
C ALA E 113 -7.82 -4.71 -10.50
N THR E 114 -6.80 -4.35 -11.27
CA THR E 114 -5.54 -3.85 -10.72
C THR E 114 -5.28 -2.44 -11.21
N THR E 115 -4.77 -1.62 -10.31
CA THR E 115 -4.22 -0.31 -10.68
C THR E 115 -2.72 -0.30 -10.39
N TRP E 116 -1.98 0.36 -11.28
CA TRP E 116 -0.55 0.58 -11.14
C TRP E 116 -0.30 2.07 -11.05
N SER E 117 0.48 2.48 -10.05
CA SER E 117 0.85 3.87 -9.82
C SER E 117 2.35 3.97 -9.80
N GLY E 118 2.92 4.89 -10.58
CA GLY E 118 4.37 4.93 -10.64
C GLY E 118 4.89 6.04 -11.50
N GLN E 119 6.12 5.84 -11.97
CA GLN E 119 6.70 6.84 -12.86
CA GLN E 119 6.87 6.85 -12.75
C GLN E 119 7.56 6.21 -13.94
N TYR E 120 7.59 6.91 -15.06
CA TYR E 120 8.46 6.62 -16.20
C TYR E 120 9.76 7.37 -15.99
N VAL E 121 10.86 6.65 -16.19
CA VAL E 121 12.22 7.15 -16.00
C VAL E 121 12.96 6.88 -17.32
N GLY E 122 13.41 7.94 -17.99
CA GLY E 122 14.20 7.78 -19.21
C GLY E 122 15.65 7.45 -18.90
N GLY E 123 16.44 7.28 -19.96
CA GLY E 123 17.88 7.01 -19.82
C GLY E 123 18.31 5.84 -20.67
N ALA E 124 19.49 5.31 -20.35
CA ALA E 124 20.11 4.22 -21.12
C ALA E 124 19.20 2.99 -21.30
N GLU E 125 18.52 2.59 -20.22
CA GLU E 125 17.41 1.64 -20.30
C GLU E 125 16.19 2.26 -19.61
N ALA E 126 15.25 2.74 -20.41
CA ALA E 126 14.04 3.37 -19.86
C ALA E 126 13.29 2.36 -19.01
N ARG E 127 12.60 2.86 -17.99
CA ARG E 127 11.95 2.01 -17.03
C ARG E 127 10.66 2.66 -16.54
N ILE E 128 9.66 1.82 -16.26
CA ILE E 128 8.49 2.26 -15.53
C ILE E 128 8.46 1.46 -14.22
N ASN E 129 8.56 2.18 -13.12
CA ASN E 129 8.55 1.59 -11.78
C ASN E 129 7.19 1.82 -11.16
N THR E 130 6.59 0.77 -10.61
CA THR E 130 5.22 0.85 -10.11
C THR E 130 5.01 0.15 -8.78
N GLN E 131 3.96 0.63 -8.12
CA GLN E 131 3.33 -0.13 -7.07
CA GLN E 131 3.29 -0.05 -7.01
C GLN E 131 1.89 -0.35 -7.52
N TRP E 132 1.33 -1.50 -7.14
CA TRP E 132 -0.02 -1.86 -7.61
C TRP E 132 -0.92 -2.26 -6.48
N LEU E 133 -2.22 -2.10 -6.76
CA LEU E 133 -3.31 -2.54 -5.90
C LEU E 133 -4.23 -3.41 -6.71
N LEU E 134 -4.50 -4.64 -6.24
CA LEU E 134 -5.38 -5.58 -6.92
C LEU E 134 -6.58 -5.80 -6.03
N THR E 135 -7.76 -5.39 -6.48
CA THR E 135 -8.99 -5.55 -5.72
C THR E 135 -9.90 -6.57 -6.38
N SER E 136 -10.37 -7.50 -5.56
CA SER E 136 -11.41 -8.45 -5.95
CA SER E 136 -11.39 -8.45 -5.96
C SER E 136 -12.77 -7.94 -5.54
N GLY E 137 -13.78 -8.24 -6.37
CA GLY E 137 -15.15 -8.09 -5.90
C GLY E 137 -15.39 -9.10 -4.79
N THR E 138 -15.86 -8.64 -3.64
CA THR E 138 -16.08 -9.50 -2.48
C THR E 138 -17.42 -9.19 -1.88
N THR E 139 -17.90 -10.10 -1.04
CA THR E 139 -19.02 -9.76 -0.17
C THR E 139 -18.57 -8.70 0.82
N GLU E 140 -19.54 -8.06 1.46
CA GLU E 140 -19.24 -7.05 2.45
C GLU E 140 -18.44 -7.65 3.63
N ALA E 141 -18.79 -8.88 4.03
CA ALA E 141 -18.07 -9.56 5.10
C ALA E 141 -16.59 -9.80 4.80
N ASN E 142 -16.25 -9.97 3.51
CA ASN E 142 -14.88 -10.26 3.10
C ASN E 142 -14.16 -9.04 2.54
N ALA E 143 -14.77 -7.86 2.62
CA ALA E 143 -14.16 -6.68 2.01
C ALA E 143 -12.82 -6.32 2.63
N TRP E 144 -12.64 -6.61 3.92
CA TRP E 144 -11.36 -6.33 4.57
C TRP E 144 -10.19 -7.01 3.89
N LYS E 145 -10.44 -8.14 3.23
CA LYS E 145 -9.40 -8.89 2.52
C LYS E 145 -9.60 -8.82 0.99
N SER E 146 -10.11 -7.69 0.51
CA SER E 146 -10.35 -7.48 -0.91
C SER E 146 -9.15 -7.02 -1.73
N THR E 147 -8.15 -6.41 -1.08
CA THR E 147 -7.16 -5.64 -1.83
C THR E 147 -5.74 -6.02 -1.46
N LEU E 148 -5.04 -6.62 -2.44
CA LEU E 148 -3.62 -6.92 -2.35
C LEU E 148 -2.79 -5.73 -2.81
N VAL E 149 -1.59 -5.63 -2.24
CA VAL E 149 -0.61 -4.63 -2.67
C VAL E 149 0.65 -5.33 -3.14
N GLY E 150 1.31 -4.72 -4.12
CA GLY E 150 2.58 -5.23 -4.61
C GLY E 150 3.29 -4.23 -5.46
N HIS E 151 4.27 -4.69 -6.23
CA HIS E 151 5.10 -3.80 -7.03
C HIS E 151 5.61 -4.54 -8.25
N ASP E 152 5.99 -3.77 -9.27
CA ASP E 152 6.60 -4.36 -10.46
C ASP E 152 7.32 -3.28 -11.23
N THR E 153 8.23 -3.71 -12.09
CA THR E 153 9.00 -2.80 -12.91
CA THR E 153 9.03 -2.81 -12.92
C THR E 153 9.03 -3.32 -14.35
N PHE E 154 8.98 -2.38 -15.30
CA PHE E 154 8.88 -2.69 -16.73
C PHE E 154 10.00 -2.02 -17.49
N THR E 155 10.49 -2.69 -18.52
CA THR E 155 11.43 -2.11 -19.48
C THR E 155 10.97 -2.47 -20.89
N LYS E 156 11.63 -1.91 -21.88
CA LYS E 156 11.31 -2.19 -23.28
C LYS E 156 12.09 -3.40 -23.84
N VAL E 157 12.83 -4.11 -22.99
CA VAL E 157 13.60 -5.29 -23.41
C VAL E 157 12.86 -6.59 -23.08
N LYS E 158 12.63 -7.42 -24.09
CA LYS E 158 11.95 -8.70 -23.92
C LYS E 158 12.85 -9.63 -23.12
N PRO E 159 12.35 -10.27 -22.04
CA PRO E 159 13.22 -11.16 -21.21
C PRO E 159 14.00 -12.24 -21.96
N SER E 160 13.45 -12.82 -23.01
CA SER E 160 14.21 -13.80 -23.82
C SER E 160 15.47 -13.21 -24.48
N ALA E 161 15.47 -11.90 -24.74
CA ALA E 161 16.65 -11.18 -25.27
C ALA E 161 17.51 -10.49 -24.19
N ALA E 162 17.07 -10.52 -22.93
CA ALA E 162 17.74 -9.79 -21.86
C ALA E 162 19.08 -10.42 -21.45
N SER E 163 20.04 -9.55 -21.11
CA SER E 163 21.33 -9.95 -20.55
C SER E 163 21.90 -8.81 -19.70
N ALA F 1 -11.82 -12.45 -7.60
CA ALA F 1 -10.88 -13.56 -7.26
C ALA F 1 -9.45 -13.17 -7.66
N PHE F 2 -8.50 -13.92 -7.11
CA PHE F 2 -7.08 -13.76 -7.41
C PHE F 2 -6.54 -15.08 -7.99
N PRO F 3 -7.07 -15.51 -9.16
CA PRO F 3 -6.62 -16.79 -9.70
C PRO F 3 -5.15 -16.81 -10.07
N ASP F 4 -4.57 -18.00 -10.03
CA ASP F 4 -3.15 -18.17 -10.32
C ASP F 4 -2.71 -17.66 -11.68
N TYR F 5 -3.59 -17.69 -12.69
CA TYR F 5 -3.18 -17.21 -14.01
C TYR F 5 -2.88 -15.72 -14.02
N LEU F 6 -3.34 -14.98 -13.01
CA LEU F 6 -2.97 -13.56 -12.87
C LEU F 6 -1.57 -13.32 -12.34
N ALA F 7 -0.89 -14.35 -11.84
CA ALA F 7 0.39 -14.15 -11.17
C ALA F 7 1.41 -13.39 -12.02
N GLU F 8 1.62 -13.83 -13.26
CA GLU F 8 2.69 -13.25 -14.07
C GLU F 8 2.47 -11.77 -14.34
N TYR F 9 1.20 -11.38 -14.48
CA TYR F 9 0.85 -9.99 -14.76
C TYR F 9 1.20 -9.07 -13.59
N HIS F 10 1.33 -9.66 -12.40
CA HIS F 10 1.64 -8.94 -11.16
C HIS F 10 3.10 -9.10 -10.76
N GLY F 11 3.91 -9.72 -11.61
CA GLY F 11 5.34 -9.89 -11.36
C GLY F 11 5.69 -11.13 -10.57
N GLY F 12 4.74 -12.05 -10.40
CA GLY F 12 5.00 -13.24 -9.56
C GLY F 12 4.57 -14.56 -10.16
N NH2 F 13 4.32 -14.58 -11.67
N ALA G 39 -3.92 10.78 29.91
CA ALA G 39 -3.53 11.09 28.49
C ALA G 39 -2.26 10.36 28.07
N GLY G 40 -2.23 9.92 26.82
CA GLY G 40 -1.07 9.23 26.26
C GLY G 40 -1.45 7.95 25.55
N ILE G 41 -0.45 7.31 24.95
CA ILE G 41 -0.67 6.05 24.23
C ILE G 41 -0.97 4.88 25.19
N THR G 42 -0.30 4.83 26.33
CA THR G 42 -0.55 3.78 27.30
C THR G 42 -2.04 3.71 27.66
N GLY G 43 -2.60 2.51 27.58
CA GLY G 43 -4.00 2.30 27.90
C GLY G 43 -4.62 1.20 27.08
N THR G 44 -5.95 1.20 27.09
CA THR G 44 -6.77 0.21 26.39
C THR G 44 -7.49 0.90 25.23
N TRP G 45 -7.33 0.33 24.05
CA TRP G 45 -7.81 0.89 22.81
C TRP G 45 -8.75 -0.10 22.12
N TYR G 46 -9.72 0.46 21.38
CA TYR G 46 -10.75 -0.33 20.71
CA TYR G 46 -10.75 -0.34 20.71
C TYR G 46 -10.92 0.14 19.28
N ASN G 47 -11.13 -0.78 18.34
CA ASN G 47 -11.64 -0.37 17.04
C ASN G 47 -13.17 -0.35 17.11
N GLN G 48 -13.82 -0.03 16.00
CA GLN G 48 -15.29 0.11 15.97
C GLN G 48 -16.02 -1.21 16.20
N LEU G 49 -15.30 -2.32 16.00
CA LEU G 49 -15.86 -3.64 16.22
C LEU G 49 -15.55 -4.20 17.60
N GLY G 50 -14.90 -3.42 18.45
CA GLY G 50 -14.61 -3.82 19.79
C GLY G 50 -13.39 -4.69 19.97
N SER G 51 -12.63 -4.96 18.90
CA SER G 51 -11.32 -5.60 19.07
C SER G 51 -10.47 -4.66 19.92
N THR G 52 -9.73 -5.23 20.87
CA THR G 52 -9.19 -4.48 21.99
C THR G 52 -7.72 -4.73 22.17
N PHE G 53 -6.90 -3.68 22.14
CA PHE G 53 -5.51 -3.82 22.54
C PHE G 53 -5.22 -3.06 23.81
N ILE G 54 -4.38 -3.68 24.62
CA ILE G 54 -3.94 -3.15 25.89
C ILE G 54 -2.44 -2.97 25.73
N VAL G 55 -1.97 -1.72 25.85
CA VAL G 55 -0.59 -1.40 25.50
C VAL G 55 0.03 -0.50 26.55
N THR G 56 1.35 -0.68 26.71
CA THR G 56 2.19 0.22 27.50
CA THR G 56 2.17 0.23 27.48
C THR G 56 3.17 0.87 26.54
N ALA G 57 3.29 2.19 26.62
CA ALA G 57 4.24 2.96 25.84
C ALA G 57 5.37 3.34 26.79
N GLY G 58 6.53 2.69 26.62
CA GLY G 58 7.69 2.87 27.49
C GLY G 58 8.42 4.16 27.21
N ALA G 59 9.16 4.65 28.21
CA ALA G 59 9.83 5.95 28.14
C ALA G 59 10.79 6.11 26.96
N ASP G 60 11.38 5.02 26.49
CA ASP G 60 12.33 5.09 25.36
C ASP G 60 11.82 4.39 24.10
N GLY G 61 10.51 4.45 23.91
CA GLY G 61 9.91 4.19 22.61
C GLY G 61 9.29 2.83 22.37
N ALA G 62 9.27 1.95 23.37
CA ALA G 62 8.69 0.63 23.19
C ALA G 62 7.17 0.66 23.30
N LEU G 63 6.50 -0.07 22.42
CA LEU G 63 5.09 -0.43 22.58
C LEU G 63 5.04 -1.92 22.88
N THR G 64 4.38 -2.31 23.97
CA THR G 64 4.24 -3.71 24.34
C THR G 64 2.83 -3.94 24.85
N GLY G 65 2.23 -5.04 24.42
CA GLY G 65 0.92 -5.38 24.94
C GLY G 65 0.32 -6.59 24.28
N THR G 66 -1.01 -6.59 24.25
CA THR G 66 -1.78 -7.69 23.69
C THR G 66 -2.91 -7.13 22.84
N TYR G 67 -3.35 -7.92 21.90
CA TYR G 67 -4.52 -7.60 21.08
C TYR G 67 -5.46 -8.79 21.13
N GLU G 68 -6.73 -8.55 21.38
CA GLU G 68 -7.71 -9.62 21.53
C GLU G 68 -9.02 -9.24 20.89
N SER G 69 -9.88 -10.24 20.73
CA SER G 69 -11.20 -10.02 20.16
C SER G 69 -12.12 -9.32 21.16
N ALA G 70 -13.24 -8.83 20.64
CA ALA G 70 -14.25 -8.24 21.48
C ALA G 70 -14.73 -9.20 22.58
N VAL G 71 -14.81 -10.50 22.30
CA VAL G 71 -15.19 -11.52 23.30
CA VAL G 71 -15.24 -11.44 23.35
C VAL G 71 -14.11 -11.68 24.37
N GLY G 72 -12.85 -11.62 23.93
CA GLY G 72 -11.70 -11.64 24.84
C GLY G 72 -11.34 -12.98 25.43
N ASN G 73 -11.70 -14.06 24.76
CA ASN G 73 -11.32 -15.42 25.18
C ASN G 73 -9.84 -15.65 24.89
N ALA G 74 -9.22 -16.58 25.61
CA ALA G 74 -7.76 -16.80 25.49
C ALA G 74 -7.30 -17.12 24.08
N GLU G 75 -8.09 -17.89 23.34
CA GLU G 75 -7.75 -18.26 21.99
C GLU G 75 -7.65 -17.05 21.06
N SER G 76 -8.27 -15.94 21.48
CA SER G 76 -8.35 -14.72 20.69
C SER G 76 -7.24 -13.71 20.96
N ARG G 77 -6.34 -14.02 21.90
CA ARG G 77 -5.39 -13.04 22.38
C ARG G 77 -4.00 -13.29 21.82
N TYR G 78 -3.36 -12.21 21.34
CA TYR G 78 -2.06 -12.29 20.70
C TYR G 78 -1.13 -11.19 21.24
N VAL G 79 0.16 -11.44 21.18
CA VAL G 79 1.16 -10.46 21.58
C VAL G 79 1.28 -9.35 20.53
N LEU G 80 1.38 -8.11 21.03
CA LEU G 80 1.57 -6.93 20.20
C LEU G 80 2.87 -6.26 20.62
N THR G 81 3.73 -5.92 19.65
CA THR G 81 5.00 -5.29 19.91
CA THR G 81 4.94 -5.16 19.96
C THR G 81 5.28 -4.21 18.85
N GLY G 82 5.78 -3.06 19.25
CA GLY G 82 6.11 -2.02 18.28
C GLY G 82 6.94 -0.91 18.88
N ARG G 83 6.93 0.22 18.18
CA ARG G 83 7.75 1.37 18.54
C ARG G 83 6.95 2.65 18.31
N TYR G 84 7.29 3.70 19.05
CA TYR G 84 6.69 5.00 18.82
C TYR G 84 7.72 6.09 19.06
N ASP G 85 7.46 7.27 18.52
CA ASP G 85 8.30 8.45 18.77
C ASP G 85 8.04 8.98 20.17
N SER G 86 9.02 8.78 21.05
CA SER G 86 8.89 9.17 22.44
C SER G 86 9.19 10.65 22.70
N ALA G 87 9.56 11.40 21.66
CA ALA G 87 9.72 12.84 21.77
C ALA G 87 9.14 13.52 20.54
N PRO G 88 7.80 13.48 20.40
CA PRO G 88 7.17 14.02 19.20
C PRO G 88 7.32 15.54 19.08
N ALA G 89 7.04 16.04 17.88
CA ALA G 89 7.04 17.48 17.68
C ALA G 89 6.00 18.12 18.58
N THR G 90 6.23 19.39 18.90
CA THR G 90 5.34 20.16 19.77
C THR G 90 4.57 21.22 18.96
N ASP G 91 4.24 20.92 17.71
CA ASP G 91 3.59 21.85 16.79
C ASP G 91 2.16 21.44 16.40
N GLY G 92 1.58 20.53 17.18
CA GLY G 92 0.26 19.98 16.85
C GLY G 92 0.29 18.69 16.02
N SER G 93 1.48 18.24 15.63
CA SER G 93 1.62 17.00 14.90
C SER G 93 1.30 15.81 15.79
N GLY G 94 0.79 14.76 15.17
CA GLY G 94 0.62 13.48 15.84
C GLY G 94 1.95 12.82 16.16
N THR G 95 1.84 11.70 16.87
CA THR G 95 2.99 10.90 17.28
C THR G 95 3.08 9.66 16.42
N ALA G 96 4.16 9.58 15.63
CA ALA G 96 4.35 8.43 14.73
C ALA G 96 4.56 7.15 15.53
N LEU G 97 3.99 6.07 15.01
CA LEU G 97 4.10 4.77 15.66
C LEU G 97 3.90 3.63 14.67
N GLY G 98 4.20 2.42 15.13
CA GLY G 98 3.86 1.22 14.40
C GLY G 98 3.92 0.03 15.32
N TRP G 99 3.20 -1.02 14.96
CA TRP G 99 3.29 -2.27 15.70
C TRP G 99 2.97 -3.47 14.82
N THR G 100 3.30 -4.65 15.35
CA THR G 100 3.11 -5.92 14.66
C THR G 100 2.38 -6.86 15.60
N VAL G 101 1.49 -7.67 15.02
CA VAL G 101 0.94 -8.85 15.65
C VAL G 101 1.15 -10.02 14.68
N ALA G 102 1.84 -11.06 15.12
CA ALA G 102 1.88 -12.33 14.40
C ALA G 102 0.70 -13.16 14.92
N TRP G 103 -0.05 -13.75 13.98
CA TRP G 103 -1.32 -14.41 14.31
C TRP G 103 -1.10 -15.87 14.74
N LYS G 104 -0.19 -16.04 15.69
CA LYS G 104 0.04 -17.31 16.35
C LYS G 104 -0.05 -17.07 17.84
N ASN G 105 -0.79 -17.94 18.52
CA ASN G 105 -0.71 -18.02 19.98
C ASN G 105 -0.64 -19.51 20.34
N ASN G 106 -0.83 -19.85 21.59
CA ASN G 106 -0.66 -21.24 21.99
C ASN G 106 -1.88 -22.11 21.64
N TYR G 107 -2.92 -21.48 21.05
CA TYR G 107 -4.17 -22.17 20.68
C TYR G 107 -4.33 -22.37 19.17
N ARG G 108 -3.87 -21.42 18.37
CA ARG G 108 -4.05 -21.50 16.92
C ARG G 108 -3.00 -20.66 16.21
N ASN G 109 -2.92 -20.89 14.90
CA ASN G 109 -1.89 -20.26 14.09
C ASN G 109 -2.43 -20.07 12.68
N ALA G 110 -2.52 -18.81 12.25
CA ALA G 110 -2.98 -18.47 10.91
C ALA G 110 -1.85 -18.35 9.90
N HIS G 111 -0.60 -18.50 10.32
CA HIS G 111 0.56 -18.35 9.43
C HIS G 111 0.54 -17.03 8.69
N SER G 112 0.41 -15.96 9.48
CA SER G 112 0.31 -14.60 8.95
C SER G 112 0.64 -13.62 10.04
N ALA G 113 0.91 -12.38 9.65
CA ALA G 113 1.25 -11.32 10.59
C ALA G 113 0.83 -10.00 9.98
N THR G 114 0.37 -9.08 10.83
CA THR G 114 -0.05 -7.76 10.41
C THR G 114 0.81 -6.69 11.05
N THR G 115 1.13 -5.66 10.27
CA THR G 115 1.73 -4.44 10.80
C THR G 115 0.77 -3.29 10.61
N TRP G 116 0.73 -2.41 11.60
CA TRP G 116 -0.02 -1.18 11.56
C TRP G 116 0.95 -0.01 11.64
N SER G 117 0.79 0.95 10.74
CA SER G 117 1.62 2.15 10.66
C SER G 117 0.69 3.35 10.79
N GLY G 118 0.99 4.28 11.68
CA GLY G 118 0.09 5.40 11.86
C GLY G 118 0.54 6.41 12.86
N GLN G 119 -0.42 7.15 13.39
CA GLN G 119 -0.08 8.12 14.40
CA GLN G 119 -0.18 8.26 14.31
C GLN G 119 -1.16 8.25 15.46
N TYR G 120 -0.67 8.57 16.65
CA TYR G 120 -1.50 8.88 17.80
C TYR G 120 -1.77 10.39 17.80
N VAL G 121 -3.04 10.74 17.99
CA VAL G 121 -3.52 12.12 18.06
C VAL G 121 -4.15 12.28 19.44
N GLY G 122 -3.60 13.16 20.26
CA GLY G 122 -4.09 13.35 21.62
C GLY G 122 -5.29 14.27 21.67
N GLY G 123 -5.67 14.64 22.88
CA GLY G 123 -6.79 15.56 23.10
C GLY G 123 -7.99 14.88 23.74
N ALA G 124 -9.14 15.55 23.69
CA ALA G 124 -10.37 15.11 24.38
C ALA G 124 -10.86 13.75 23.91
N GLU G 125 -10.72 13.48 22.61
CA GLU G 125 -11.05 12.18 22.04
C GLU G 125 -9.81 11.66 21.32
N ALA G 126 -8.87 11.13 22.10
CA ALA G 126 -7.63 10.58 21.58
C ALA G 126 -7.92 9.47 20.57
N ARG G 127 -7.08 9.39 19.54
CA ARG G 127 -7.31 8.44 18.46
C ARG G 127 -5.97 7.97 17.92
N ILE G 128 -5.93 6.73 17.44
CA ILE G 128 -4.82 6.22 16.67
C ILE G 128 -5.37 5.85 15.30
N ASN G 129 -4.85 6.51 14.27
CA ASN G 129 -5.25 6.27 12.88
C ASN G 129 -4.16 5.48 12.20
N THR G 130 -4.53 4.40 11.52
CA THR G 130 -3.55 3.47 10.94
C THR G 130 -3.89 3.03 9.53
N GLN G 131 -2.85 2.60 8.84
CA GLN G 131 -2.95 1.76 7.66
C GLN G 131 -2.20 0.47 8.02
N TRP G 132 -2.70 -0.66 7.52
CA TRP G 132 -2.10 -1.94 7.86
C TRP G 132 -1.74 -2.76 6.63
N LEU G 133 -0.78 -3.66 6.83
CA LEU G 133 -0.36 -4.67 5.88
C LEU G 133 -0.44 -6.03 6.55
N LEU G 134 -1.16 -6.97 5.93
CA LEU G 134 -1.35 -8.33 6.46
C LEU G 134 -0.67 -9.28 5.48
N THR G 135 0.41 -9.91 5.93
CA THR G 135 1.14 -10.84 5.09
C THR G 135 0.98 -12.26 5.57
N SER G 136 0.65 -13.14 4.62
CA SER G 136 0.60 -14.57 4.84
CA SER G 136 0.62 -14.59 4.84
C SER G 136 1.91 -15.24 4.44
N GLY G 137 2.31 -16.29 5.15
CA GLY G 137 3.36 -17.16 4.66
C GLY G 137 2.82 -17.89 3.44
N THR G 138 3.53 -17.82 2.32
CA THR G 138 3.08 -18.41 1.05
C THR G 138 4.22 -19.13 0.38
N THR G 139 3.89 -20.00 -0.58
CA THR G 139 4.91 -20.49 -1.49
C THR G 139 5.45 -19.34 -2.33
N GLU G 140 6.59 -19.57 -2.97
CA GLU G 140 7.17 -18.57 -3.86
C GLU G 140 6.21 -18.25 -5.02
N ALA G 141 5.55 -19.28 -5.56
CA ALA G 141 4.58 -19.08 -6.63
C ALA G 141 3.41 -18.17 -6.25
N ASN G 142 3.03 -18.19 -4.98
CA ASN G 142 1.92 -17.38 -4.48
C ASN G 142 2.33 -16.09 -3.76
N ALA G 143 3.63 -15.77 -3.75
CA ALA G 143 4.12 -14.60 -3.00
C ALA G 143 3.52 -13.28 -3.50
N TRP G 144 3.20 -13.22 -4.78
CA TRP G 144 2.58 -12.01 -5.36
C TRP G 144 1.26 -11.67 -4.68
N LYS G 145 0.58 -12.67 -4.13
CA LYS G 145 -0.70 -12.45 -3.43
C LYS G 145 -0.59 -12.72 -1.93
N SER G 146 0.58 -12.40 -1.38
CA SER G 146 0.84 -12.62 0.04
C SER G 146 0.40 -11.48 0.96
N THR G 147 0.22 -10.26 0.43
CA THR G 147 0.06 -9.11 1.30
C THR G 147 -1.16 -8.25 0.96
N LEU G 148 -2.10 -8.22 1.92
CA LEU G 148 -3.27 -7.36 1.87
C LEU G 148 -3.00 -6.01 2.52
N VAL G 149 -3.70 -4.97 2.04
CA VAL G 149 -3.61 -3.65 2.63
C VAL G 149 -5.00 -3.21 3.12
N GLY G 150 -4.99 -2.40 4.17
CA GLY G 150 -6.21 -1.86 4.71
C GLY G 150 -5.96 -0.75 5.69
N HIS G 151 -6.97 -0.43 6.47
CA HIS G 151 -6.90 0.70 7.38
C HIS G 151 -7.82 0.48 8.57
N ASP G 152 -7.53 1.15 9.67
CA ASP G 152 -8.42 1.10 10.82
C ASP G 152 -8.08 2.26 11.76
N THR G 153 -9.03 2.55 12.64
CA THR G 153 -8.87 3.61 13.63
CA THR G 153 -8.92 3.62 13.63
C THR G 153 -9.30 3.09 14.99
N PHE G 154 -8.59 3.54 16.01
CA PHE G 154 -8.78 3.11 17.39
C PHE G 154 -9.02 4.32 18.30
N THR G 155 -9.86 4.12 19.30
CA THR G 155 -10.07 5.11 20.38
C THR G 155 -10.06 4.40 21.73
N LYS G 156 -10.03 5.20 22.80
CA LYS G 156 -10.11 4.62 24.16
C LYS G 156 -11.54 4.41 24.65
N VAL G 157 -12.53 4.72 23.82
CA VAL G 157 -13.93 4.61 24.21
C VAL G 157 -14.44 3.24 23.77
N LYS G 158 -14.87 2.43 24.73
CA LYS G 158 -15.38 1.10 24.45
C LYS G 158 -16.71 1.22 23.69
N PRO G 159 -16.80 0.61 22.48
CA PRO G 159 -18.07 0.65 21.74
C PRO G 159 -19.07 -0.35 22.32
N ALA H 1 -2.17 -17.76 6.00
CA ALA H 1 -3.61 -17.69 5.60
C ALA H 1 -4.29 -16.42 6.13
N PHE H 2 -5.47 -16.14 5.58
CA PHE H 2 -6.30 -14.99 5.98
C PHE H 2 -7.67 -15.49 6.47
N PRO H 3 -7.70 -16.30 7.54
CA PRO H 3 -8.98 -16.86 7.96
C PRO H 3 -9.98 -15.80 8.42
N ASP H 4 -11.25 -16.13 8.27
CA ASP H 4 -12.33 -15.21 8.59
C ASP H 4 -12.28 -14.71 10.02
N TYR H 5 -11.77 -15.52 10.97
CA TYR H 5 -11.72 -15.07 12.34
C TYR H 5 -10.79 -13.88 12.56
N LEU H 6 -9.92 -13.57 11.60
CA LEU H 6 -9.08 -12.38 11.69
C LEU H 6 -9.81 -11.10 11.30
N ALA H 7 -10.99 -11.18 10.72
CA ALA H 7 -11.64 -9.98 10.16
C ALA H 7 -11.77 -8.84 11.18
N GLU H 8 -12.30 -9.13 12.37
CA GLU H 8 -12.60 -8.02 13.30
C GLU H 8 -11.35 -7.25 13.68
N TYR H 9 -10.23 -7.95 13.80
CA TYR H 9 -8.98 -7.33 14.21
C TYR H 9 -8.47 -6.33 13.17
N HIS H 10 -8.95 -6.48 11.93
CA HIS H 10 -8.57 -5.66 10.80
C HIS H 10 -9.67 -4.64 10.45
N GLY H 11 -10.71 -4.56 11.28
CA GLY H 11 -11.80 -3.61 11.06
C GLY H 11 -12.91 -4.11 10.16
N GLY H 12 -12.89 -5.40 9.85
CA GLY H 12 -13.82 -5.96 8.87
C GLY H 12 -14.75 -7.04 9.36
N NH2 H 13 -14.72 -7.33 10.73
#